data_5AWQ
#
_entry.id   5AWQ
#
_cell.length_a   123.878
_cell.length_b   123.878
_cell.length_c   85.261
_cell.angle_alpha   90.00
_cell.angle_beta   90.00
_cell.angle_gamma   90.00
#
_symmetry.space_group_name_H-M   'I 41'
#
loop_
_entity.id
_entity.type
_entity.pdbx_description
1 polymer Isomaltodextranase
2 branched alpha-D-glucopyranose-(1-6)-alpha-D-glucopyranose-(1-4)-alpha-D-glucopyranose
3 branched alpha-D-glucopyranose-(1-6)-alpha-D-glucopyranose
4 non-polymer 'PHOSPHATE ION'
5 water water
#
_entity_poly.entity_id   1
_entity_poly.type   'polypeptide(L)'
_entity_poly.pdbx_seq_one_letter_code
;GSHMATAVTARPGVPVTAAPPLRLASRNSVFTRSGAGPRYWNIYGYSFPHNAPIPENEWKVNIDWLAGNFADFGYDIACT
DGWIEGSSRTTGNGYITSYNDSWQHDWAYWANYLAARKMKLGVYYNPLWVHRAAVEDASKTVLGRPDVKIADLVVPGDFF
ARDIGGNQLYWLDVTKSGAKEYVQGYVRYFKDLGVPYLRIDFLSWYEDGRDANIGQVNAPHGRANYELALSWINEAAGED
MEVSLV(SME)PHMFQDGSAELANGDLVRINADADKGGWDRLSGMRQNWQDAWPNWANPFCGFTGWSHRNGRGQLILDGD
FMRASTFASDEERKTMMNLMVAAGSPLAIADTYQQIGNNAWVYTNKEVLQLNADGLVGKPLYRSATPFSKDPGSRDTERW
AGQLPDGSWGVALFNRSDTETVTKTIDFAKDLGLATGGNVRDLWEHRNLGMDSRATAALAPHASAIFRVTPPKMHGTTRY
PAAFAAWGGGAGFNYNHPGYDGNGFVDGLQAGSGSADPLVTFAVQVPHRGSYAIRYRYANATGDTSTMTVTAEKADRSTV
DGPVHVSFPGLATWDTWGVADGTITLDAGLNLVTIGRGATDKGAINLNWIELDM
;
_entity_poly.pdbx_strand_id   A
#
# COMPACT_ATOMS: atom_id res chain seq x y z
N PRO A 15 -19.89 -25.32 19.99
CA PRO A 15 -19.00 -24.46 20.77
C PRO A 15 -17.59 -24.35 20.17
N VAL A 16 -16.98 -23.17 20.27
CA VAL A 16 -15.64 -22.95 19.71
C VAL A 16 -14.55 -23.55 20.60
N THR A 17 -13.47 -23.99 19.97
CA THR A 17 -12.29 -24.51 20.66
C THR A 17 -11.08 -23.62 20.35
N ALA A 18 -10.05 -23.72 21.18
CA ALA A 18 -8.82 -22.95 21.01
C ALA A 18 -8.05 -23.41 19.78
N ALA A 19 -7.40 -22.47 19.09
CA ALA A 19 -6.67 -22.78 17.87
C ALA A 19 -5.27 -22.18 17.90
N PRO A 20 -4.33 -22.78 17.14
CA PRO A 20 -3.03 -22.15 16.96
C PRO A 20 -3.12 -20.90 16.06
N PRO A 21 -2.09 -20.04 16.09
CA PRO A 21 -2.11 -18.88 15.19
C PRO A 21 -1.94 -19.28 13.74
N LEU A 22 -2.49 -18.47 12.83
CA LEU A 22 -2.29 -18.68 11.40
C LEU A 22 -0.85 -18.36 11.00
N ARG A 23 -0.36 -19.07 9.99
CA ARG A 23 0.95 -18.77 9.40
C ARG A 23 0.78 -17.60 8.44
N LEU A 24 1.60 -16.57 8.62
CA LEU A 24 1.52 -15.39 7.77
C LEU A 24 2.61 -15.32 6.72
N ALA A 25 2.33 -14.57 5.65
CA ALA A 25 3.28 -14.34 4.59
C ALA A 25 3.46 -12.86 4.28
N SER A 26 3.03 -11.99 5.19
CA SER A 26 3.27 -10.56 5.01
C SER A 26 3.98 -9.98 6.21
N ARG A 27 4.65 -8.86 5.99
CA ARG A 27 5.28 -8.12 7.08
C ARG A 27 4.26 -7.69 8.13
N ASN A 28 3.04 -7.39 7.70
CA ASN A 28 1.92 -7.22 8.64
C ASN A 28 2.21 -6.16 9.71
N SER A 29 2.79 -5.03 9.30
CA SER A 29 3.20 -4.00 10.23
C SER A 29 2.03 -3.11 10.65
N VAL A 30 2.25 -2.32 11.69
CA VAL A 30 1.28 -1.35 12.14
C VAL A 30 0.90 -0.38 11.00
N PHE A 31 1.82 -0.10 10.09
CA PHE A 31 1.52 0.82 8.98
C PHE A 31 0.45 0.26 8.06
N THR A 32 0.62 -0.97 7.60
CA THR A 32 -0.37 -1.51 6.67
C THR A 32 -1.64 -1.93 7.39
N ARG A 33 -1.57 -2.22 8.68
CA ARG A 33 -2.77 -2.58 9.45
C ARG A 33 -3.63 -1.41 9.83
N SER A 34 -3.04 -0.24 9.95
CA SER A 34 -3.73 0.92 10.52
C SER A 34 -4.51 1.75 9.52
N GLY A 35 -4.28 1.54 8.23
CA GLY A 35 -4.98 2.35 7.24
C GLY A 35 -4.27 2.45 5.93
N ALA A 36 -4.49 3.60 5.29
CA ALA A 36 -3.98 3.91 3.97
C ALA A 36 -2.57 4.51 4.05
N GLY A 37 -2.02 4.83 2.88
CA GLY A 37 -0.68 5.42 2.80
C GLY A 37 -0.57 6.79 3.44
N PRO A 38 0.66 7.22 3.69
CA PRO A 38 0.92 8.49 4.31
C PRO A 38 0.73 9.68 3.36
N ARG A 39 0.52 10.85 3.95
CA ARG A 39 0.53 12.11 3.24
C ARG A 39 1.89 12.75 3.34
N TYR A 40 2.43 13.16 2.20
CA TYR A 40 3.74 13.77 2.20
C TYR A 40 3.98 14.65 1.00
N TRP A 41 5.06 15.41 1.03
CA TRP A 41 5.57 16.18 -0.09
C TRP A 41 6.91 15.60 -0.49
N ASN A 42 7.21 15.66 -1.78
CA ASN A 42 8.44 15.11 -2.34
C ASN A 42 9.13 16.10 -3.24
N ILE A 43 10.46 16.06 -3.27
CA ILE A 43 11.26 16.98 -4.08
C ILE A 43 11.20 16.73 -5.60
N TYR A 44 10.50 15.69 -6.04
CA TYR A 44 10.54 15.28 -7.45
C TYR A 44 10.11 16.38 -8.41
N GLY A 45 9.16 17.23 -7.99
CA GLY A 45 8.70 18.32 -8.85
C GLY A 45 9.81 19.31 -9.14
N TYR A 46 10.77 19.45 -8.23
CA TYR A 46 12.00 20.16 -8.56
C TYR A 46 12.98 19.32 -9.37
N SER A 47 13.36 18.18 -8.80
CA SER A 47 14.53 17.46 -9.30
C SER A 47 14.31 16.77 -10.65
N PHE A 48 13.10 16.29 -10.92
CA PHE A 48 12.87 15.67 -12.21
C PHE A 48 12.99 16.67 -13.38
N PRO A 49 12.22 17.78 -13.37
CA PRO A 49 12.42 18.69 -14.52
C PRO A 49 13.82 19.31 -14.60
N HIS A 50 14.47 19.50 -13.46
CA HIS A 50 15.83 20.05 -13.46
C HIS A 50 16.88 18.99 -13.76
N ASN A 51 16.50 17.71 -13.66
CA ASN A 51 17.43 16.60 -13.71
C ASN A 51 18.64 16.87 -12.82
N ALA A 52 18.36 17.22 -11.58
CA ALA A 52 19.41 17.70 -10.67
C ALA A 52 18.95 17.60 -9.22
N PRO A 53 19.90 17.40 -8.30
CA PRO A 53 19.53 17.40 -6.89
C PRO A 53 18.97 18.73 -6.44
N ILE A 54 18.01 18.71 -5.54
CA ILE A 54 17.40 19.94 -5.08
C ILE A 54 18.42 20.74 -4.26
N PRO A 55 18.64 22.01 -4.64
CA PRO A 55 19.47 22.85 -3.78
C PRO A 55 18.89 23.01 -2.37
N GLU A 56 19.76 23.17 -1.39
CA GLU A 56 19.34 23.28 0.00
C GLU A 56 18.37 24.45 0.25
N ASN A 57 18.60 25.59 -0.37
CA ASN A 57 17.67 26.71 -0.18
C ASN A 57 16.29 26.43 -0.76
N GLU A 58 16.23 25.70 -1.88
CA GLU A 58 14.95 25.32 -2.46
C GLU A 58 14.21 24.33 -1.57
N TRP A 59 14.94 23.39 -0.99
CA TRP A 59 14.39 22.49 0.02
C TRP A 59 13.79 23.29 1.17
N LYS A 60 14.54 24.30 1.64
CA LYS A 60 14.08 25.14 2.75
C LYS A 60 12.82 25.93 2.41
N VAL A 61 12.81 26.58 1.25
CA VAL A 61 11.67 27.41 0.87
C VAL A 61 10.43 26.53 0.70
N ASN A 62 10.59 25.33 0.14
CA ASN A 62 9.46 24.40 0.04
C ASN A 62 8.93 23.96 1.40
N ILE A 63 9.84 23.66 2.33
CA ILE A 63 9.45 23.28 3.66
C ILE A 63 8.64 24.41 4.32
N ASP A 64 9.13 25.64 4.22
CA ASP A 64 8.42 26.77 4.83
C ASP A 64 7.03 26.94 4.22
N TRP A 65 6.91 26.68 2.93
CA TRP A 65 5.63 26.76 2.24
C TRP A 65 4.67 25.67 2.71
N LEU A 66 5.18 24.44 2.84
CA LEU A 66 4.38 23.33 3.35
C LEU A 66 3.90 23.60 4.77
N ALA A 67 4.81 24.06 5.63
CA ALA A 67 4.49 24.34 7.02
C ALA A 67 3.30 25.30 7.17
N GLY A 68 3.20 26.28 6.28
CA GLY A 68 2.10 27.25 6.32
C GLY A 68 0.86 26.91 5.52
N ASN A 69 0.92 25.90 4.63
CA ASN A 69 -0.17 25.66 3.68
C ASN A 69 -0.71 24.23 3.60
N PHE A 70 0.13 23.23 3.85
CA PHE A 70 -0.30 21.82 3.75
C PHE A 70 -0.08 20.96 4.97
N ALA A 71 0.87 21.34 5.85
CA ALA A 71 1.09 20.57 7.06
C ALA A 71 -0.17 20.51 7.92
N ASP A 72 -0.98 21.58 7.90
CA ASP A 72 -2.25 21.57 8.64
C ASP A 72 -3.30 20.64 8.06
N PHE A 73 -3.09 20.17 6.83
CA PHE A 73 -3.96 19.17 6.21
C PHE A 73 -3.36 17.77 6.26
N GLY A 74 -2.33 17.60 7.08
CA GLY A 74 -1.71 16.30 7.32
C GLY A 74 -0.52 15.98 6.45
N TYR A 75 -0.15 16.87 5.52
CA TYR A 75 1.02 16.61 4.67
C TYR A 75 2.24 17.06 5.45
N ASP A 76 2.65 16.24 6.41
CA ASP A 76 3.64 16.71 7.37
C ASP A 76 4.95 15.94 7.31
N ILE A 77 5.18 15.20 6.22
CA ILE A 77 6.49 14.65 5.90
C ILE A 77 7.02 15.37 4.66
N ALA A 78 8.25 15.88 4.72
CA ALA A 78 8.97 16.39 3.56
C ALA A 78 10.00 15.33 3.22
N CYS A 79 9.89 14.78 2.00
CA CYS A 79 10.65 13.61 1.61
C CYS A 79 11.59 13.90 0.46
N THR A 80 12.84 13.47 0.59
CA THR A 80 13.79 13.56 -0.51
C THR A 80 13.54 12.48 -1.55
N ASP A 81 14.25 12.56 -2.68
CA ASP A 81 14.15 11.58 -3.74
C ASP A 81 15.57 11.29 -4.25
N GLY A 82 15.72 10.97 -5.53
CA GLY A 82 17.00 10.60 -6.10
C GLY A 82 17.96 11.72 -6.35
N TRP A 83 18.79 11.53 -7.38
CA TRP A 83 19.89 12.43 -7.68
C TRP A 83 20.81 12.49 -6.45
N ILE A 84 21.11 11.31 -5.89
CA ILE A 84 21.95 11.18 -4.69
C ILE A 84 23.41 10.76 -4.96
N GLU A 85 23.81 10.70 -6.21
CA GLU A 85 25.21 10.34 -6.51
C GLU A 85 26.19 11.35 -5.88
N GLY A 86 25.75 12.61 -5.80
CA GLY A 86 26.52 13.70 -5.22
C GLY A 86 26.43 13.82 -3.71
N SER A 87 25.80 12.84 -3.06
CA SER A 87 25.88 12.72 -1.61
C SER A 87 27.01 11.76 -1.25
N SER A 88 28.22 12.29 -1.08
CA SER A 88 29.40 11.45 -0.89
C SER A 88 29.94 11.44 0.53
N ARG A 89 29.68 12.51 1.28
CA ARG A 89 30.16 12.61 2.67
C ARG A 89 29.43 11.56 3.52
N THR A 90 30.16 10.85 4.36
CA THR A 90 29.56 9.83 5.22
C THR A 90 30.13 9.86 6.62
N THR A 91 29.38 9.23 7.53
CA THR A 91 29.86 9.01 8.89
C THR A 91 31.08 8.07 8.84
N GLY A 92 31.67 7.84 10.02
CA GLY A 92 32.75 6.87 10.14
C GLY A 92 32.35 5.45 9.80
N ASN A 93 31.05 5.18 9.69
CA ASN A 93 30.58 3.87 9.27
C ASN A 93 29.95 3.84 7.86
N GLY A 94 30.15 4.89 7.08
CA GLY A 94 29.74 4.90 5.66
C GLY A 94 28.32 5.33 5.36
N TYR A 95 27.65 5.96 6.32
CA TYR A 95 26.25 6.40 6.12
C TYR A 95 26.22 7.87 5.72
N ILE A 96 25.47 8.20 4.68
CA ILE A 96 25.47 9.57 4.16
C ILE A 96 25.00 10.55 5.23
N THR A 97 25.74 11.66 5.39
CA THR A 97 25.42 12.65 6.39
C THR A 97 24.39 13.68 5.94
N SER A 98 24.20 13.86 4.63
CA SER A 98 23.17 14.79 4.18
C SER A 98 22.63 14.38 2.82
N TYR A 99 21.75 15.20 2.24
CA TYR A 99 21.16 14.89 0.95
C TYR A 99 22.13 15.10 -0.21
N ASN A 100 22.98 16.13 -0.14
CA ASN A 100 23.94 16.44 -1.19
C ASN A 100 25.16 17.12 -0.54
N ASP A 101 26.32 16.95 -1.16
CA ASP A 101 27.54 17.59 -0.64
C ASP A 101 27.45 19.13 -0.62
N SER A 102 26.58 19.74 -1.43
CA SER A 102 26.42 21.21 -1.42
C SER A 102 25.68 21.74 -0.19
N TRP A 103 24.97 20.85 0.50
CA TRP A 103 24.20 21.22 1.67
C TRP A 103 25.11 21.58 2.84
N GLN A 104 24.82 22.72 3.48
CA GLN A 104 25.57 23.17 4.63
C GLN A 104 25.15 22.43 5.91
N HIS A 105 23.95 21.87 5.92
CA HIS A 105 23.42 21.22 7.10
C HIS A 105 23.11 19.75 6.84
N ASP A 106 23.25 18.93 7.89
CA ASP A 106 23.09 17.48 7.81
C ASP A 106 21.64 17.05 8.02
N TRP A 107 21.40 15.74 7.93
CA TRP A 107 20.04 15.23 8.07
C TRP A 107 19.43 15.67 9.39
N ALA A 108 20.21 15.62 10.47
CA ALA A 108 19.72 15.97 11.82
C ALA A 108 19.24 17.41 11.90
N TYR A 109 19.99 18.33 11.32
CA TYR A 109 19.56 19.72 11.29
C TYR A 109 18.22 19.88 10.61
N TRP A 110 18.05 19.20 9.47
CA TRP A 110 16.80 19.34 8.74
C TRP A 110 15.62 18.63 9.40
N ALA A 111 15.86 17.50 10.07
CA ALA A 111 14.78 16.85 10.81
C ALA A 111 14.33 17.76 11.95
N ASN A 112 15.26 18.45 12.61
CA ASN A 112 14.86 19.38 13.67
C ASN A 112 14.16 20.65 13.15
N TYR A 113 14.60 21.16 12.00
CA TYR A 113 13.94 22.30 11.36
C TYR A 113 12.50 21.93 11.01
N LEU A 114 12.33 20.73 10.48
CA LEU A 114 11.00 20.18 10.23
C LEU A 114 10.18 20.05 11.52
N ALA A 115 10.80 19.49 12.57
CA ALA A 115 10.15 19.33 13.87
C ALA A 115 9.58 20.64 14.38
N ALA A 116 10.35 21.72 14.25
CA ALA A 116 9.89 23.04 14.72
C ALA A 116 8.63 23.53 13.99
N ARG A 117 8.39 22.98 12.80
CA ARG A 117 7.21 23.28 12.00
C ARG A 117 6.19 22.13 12.01
N LYS A 118 6.23 21.28 13.02
CA LYS A 118 5.27 20.17 13.20
C LYS A 118 5.32 19.16 12.03
N MET A 119 6.53 18.94 11.53
CA MET A 119 6.77 18.07 10.37
C MET A 119 7.88 17.08 10.63
N LYS A 120 8.02 16.11 9.73
CA LYS A 120 9.05 15.09 9.82
C LYS A 120 9.78 14.89 8.51
N LEU A 121 10.96 14.28 8.60
CA LEU A 121 11.81 14.02 7.46
C LEU A 121 11.54 12.64 6.86
N GLY A 122 11.29 12.60 5.55
CA GLY A 122 11.26 11.37 4.79
C GLY A 122 12.52 11.26 3.96
N VAL A 123 13.07 10.05 3.85
CA VAL A 123 14.32 9.86 3.14
C VAL A 123 14.21 8.82 2.04
N TYR A 124 14.73 9.18 0.87
CA TYR A 124 14.96 8.23 -0.22
C TYR A 124 16.41 7.76 -0.13
N TYR A 125 16.60 6.48 0.18
CA TYR A 125 17.93 5.87 0.06
C TYR A 125 17.80 4.37 0.05
N ASN A 126 18.77 3.69 -0.57
CA ASN A 126 18.83 2.24 -0.61
C ASN A 126 20.04 1.83 0.21
N PRO A 127 19.80 1.10 1.31
CA PRO A 127 20.90 0.73 2.21
C PRO A 127 21.84 -0.33 1.66
N LEU A 128 21.61 -0.78 0.42
CA LEU A 128 22.56 -1.62 -0.30
C LEU A 128 23.50 -0.79 -1.17
N TRP A 129 23.33 0.53 -1.19
CA TRP A 129 24.28 1.39 -1.87
C TRP A 129 25.46 1.65 -0.94
N VAL A 130 26.66 1.57 -1.50
CA VAL A 130 27.89 1.88 -0.79
C VAL A 130 28.62 2.92 -1.63
N HIS A 131 28.82 4.11 -1.09
CA HIS A 131 29.40 5.17 -1.90
C HIS A 131 30.88 4.91 -2.16
N ARG A 132 31.31 5.17 -3.39
CA ARG A 132 32.71 5.03 -3.76
C ARG A 132 33.64 5.80 -2.78
N ALA A 133 33.23 6.98 -2.36
CA ALA A 133 34.04 7.78 -1.43
C ALA A 133 34.22 7.07 -0.08
N ALA A 134 33.23 6.30 0.36
CA ALA A 134 33.36 5.56 1.61
C ALA A 134 34.30 4.38 1.41
N VAL A 135 34.17 3.70 0.27
CA VAL A 135 35.08 2.60 -0.08
C VAL A 135 36.54 3.06 -0.13
N GLU A 136 36.74 4.25 -0.68
CA GLU A 136 38.08 4.80 -0.87
C GLU A 136 38.74 5.31 0.42
N ASP A 137 37.97 5.41 1.50
CA ASP A 137 38.49 5.86 2.78
C ASP A 137 38.64 4.64 3.71
N ALA A 138 39.87 4.18 3.82
CA ALA A 138 40.21 2.98 4.58
C ALA A 138 39.90 3.08 6.07
N SER A 139 39.74 4.29 6.59
CA SER A 139 39.42 4.48 8.01
C SER A 139 37.98 4.14 8.35
N LYS A 140 37.10 4.13 7.35
CA LYS A 140 35.69 3.83 7.58
C LYS A 140 35.47 2.33 7.70
N THR A 141 34.71 1.96 8.73
CA THR A 141 34.44 0.57 9.06
C THR A 141 32.96 0.38 9.41
N VAL A 142 32.53 -0.87 9.31
CA VAL A 142 31.14 -1.24 9.52
C VAL A 142 30.74 -0.99 10.97
N LEU A 143 29.55 -0.41 11.19
CA LEU A 143 29.05 -0.17 12.54
C LEU A 143 29.06 -1.45 13.36
N GLY A 144 29.71 -1.39 14.53
CA GLY A 144 29.83 -2.56 15.39
C GLY A 144 30.79 -3.64 14.92
N ARG A 145 31.44 -3.41 13.77
CA ARG A 145 32.38 -4.38 13.16
C ARG A 145 33.63 -3.64 12.69
N PRO A 146 34.48 -3.21 13.64
CA PRO A 146 35.71 -2.50 13.29
C PRO A 146 36.68 -3.34 12.49
N ASP A 147 36.48 -4.66 12.47
CA ASP A 147 37.25 -5.57 11.62
C ASP A 147 36.91 -5.50 10.13
N VAL A 148 35.79 -4.89 9.77
CA VAL A 148 35.36 -4.85 8.37
C VAL A 148 35.41 -3.41 7.87
N LYS A 149 36.34 -3.12 6.97
CA LYS A 149 36.36 -1.83 6.29
C LYS A 149 35.17 -1.75 5.34
N ILE A 150 34.66 -0.54 5.13
CA ILE A 150 33.64 -0.34 4.10
C ILE A 150 34.12 -0.85 2.75
N ALA A 151 35.42 -0.66 2.47
CA ALA A 151 36.03 -1.22 1.26
C ALA A 151 35.86 -2.73 1.08
N ASP A 152 35.72 -3.46 2.20
CA ASP A 152 35.61 -4.92 2.19
C ASP A 152 34.18 -5.40 1.88
N LEU A 153 33.28 -4.46 1.61
CA LEU A 153 31.87 -4.77 1.37
C LEU A 153 31.47 -4.94 -0.10
N VAL A 154 32.39 -4.66 -1.01
CA VAL A 154 32.03 -4.56 -2.42
C VAL A 154 32.95 -5.38 -3.32
N VAL A 155 32.39 -5.84 -4.43
CA VAL A 155 33.15 -6.49 -5.49
C VAL A 155 33.69 -5.37 -6.37
N PRO A 156 35.01 -5.38 -6.65
CA PRO A 156 35.55 -4.36 -7.52
C PRO A 156 34.81 -4.25 -8.86
N GLY A 157 34.53 -3.02 -9.26
CA GLY A 157 33.78 -2.74 -10.47
C GLY A 157 32.27 -2.91 -10.42
N ASP A 158 31.73 -3.40 -9.30
CA ASP A 158 30.28 -3.68 -9.20
C ASP A 158 29.51 -2.40 -8.83
N PHE A 159 29.50 -1.47 -9.77
CA PHE A 159 28.82 -0.19 -9.61
C PHE A 159 27.35 -0.28 -9.97
N PHE A 160 26.54 0.37 -9.16
CA PHE A 160 25.18 0.67 -9.55
C PHE A 160 25.20 1.38 -10.90
N ALA A 161 24.36 0.91 -11.83
CA ALA A 161 24.20 1.53 -13.16
C ALA A 161 25.48 1.50 -13.99
N ARG A 162 26.36 0.56 -13.67
CA ARG A 162 27.66 0.42 -14.35
C ARG A 162 27.56 0.50 -15.87
N ASP A 163 26.56 -0.16 -16.44
CA ASP A 163 26.49 -0.30 -17.90
C ASP A 163 25.99 0.96 -18.59
N ILE A 164 25.43 1.89 -17.85
CA ILE A 164 25.01 3.17 -18.40
C ILE A 164 25.83 4.33 -17.81
N GLY A 165 27.03 4.00 -17.32
CA GLY A 165 28.02 5.02 -16.96
C GLY A 165 28.12 5.29 -15.47
N GLY A 166 27.35 4.57 -14.65
CA GLY A 166 27.38 4.78 -13.21
C GLY A 166 28.74 4.39 -12.64
N ASN A 167 29.30 5.28 -11.82
CA ASN A 167 30.58 5.00 -11.19
C ASN A 167 30.75 5.64 -9.82
N GLN A 168 29.66 6.02 -9.16
CA GLN A 168 29.74 6.67 -7.86
C GLN A 168 29.25 5.81 -6.70
N LEU A 169 28.35 4.87 -6.98
CA LEU A 169 27.76 3.99 -5.99
C LEU A 169 28.02 2.54 -6.35
N TYR A 170 28.53 1.78 -5.39
CA TYR A 170 28.60 0.35 -5.52
C TYR A 170 27.30 -0.28 -5.06
N TRP A 171 26.99 -1.44 -5.59
CA TRP A 171 26.08 -2.33 -4.92
C TRP A 171 26.83 -3.14 -3.86
N LEU A 172 26.28 -3.21 -2.65
CA LEU A 172 26.78 -4.08 -1.59
C LEU A 172 26.82 -5.52 -2.04
N ASP A 173 27.90 -6.23 -1.70
CA ASP A 173 27.92 -7.68 -1.78
C ASP A 173 27.41 -8.29 -0.46
N VAL A 174 26.16 -8.72 -0.45
CA VAL A 174 25.54 -9.24 0.77
C VAL A 174 26.15 -10.57 1.29
N THR A 175 27.03 -11.17 0.50
CA THR A 175 27.75 -12.38 0.94
C THR A 175 29.02 -12.06 1.72
N LYS A 176 29.40 -10.79 1.79
CA LYS A 176 30.63 -10.41 2.49
C LYS A 176 30.37 -10.24 3.98
N SER A 177 31.36 -10.57 4.80
CA SER A 177 31.21 -10.37 6.24
C SER A 177 31.02 -8.89 6.53
N GLY A 178 30.11 -8.59 7.46
CA GLY A 178 29.78 -7.21 7.79
C GLY A 178 28.55 -6.68 7.07
N ALA A 179 28.07 -7.41 6.07
CA ALA A 179 27.01 -6.87 5.21
C ALA A 179 25.71 -6.63 5.99
N LYS A 180 25.30 -7.59 6.82
CA LYS A 180 24.05 -7.45 7.56
C LYS A 180 24.13 -6.27 8.51
N GLU A 181 25.24 -6.16 9.21
CA GLU A 181 25.47 -5.05 10.13
C GLU A 181 25.45 -3.71 9.41
N TYR A 182 26.05 -3.67 8.21
CA TYR A 182 26.03 -2.45 7.42
C TYR A 182 24.61 -2.05 7.05
N VAL A 183 23.85 -2.98 6.47
CA VAL A 183 22.49 -2.70 6.00
C VAL A 183 21.57 -2.33 7.16
N GLN A 184 21.56 -3.14 8.20
CA GLN A 184 20.70 -2.86 9.34
C GLN A 184 21.09 -1.57 10.03
N GLY A 185 22.39 -1.33 10.18
CA GLY A 185 22.85 -0.06 10.71
C GLY A 185 22.37 1.13 9.91
N TYR A 186 22.34 0.98 8.57
CA TYR A 186 21.92 2.09 7.69
C TYR A 186 20.44 2.39 7.89
N VAL A 187 19.64 1.34 7.94
CA VAL A 187 18.20 1.50 8.18
C VAL A 187 17.96 2.13 9.54
N ARG A 188 18.62 1.62 10.56
CA ARG A 188 18.44 2.21 11.89
C ARG A 188 19.03 3.61 12.02
N TYR A 189 20.05 3.93 11.23
CA TYR A 189 20.59 5.29 11.18
C TYR A 189 19.50 6.29 10.83
N PHE A 190 18.71 6.00 9.81
CA PHE A 190 17.61 6.91 9.47
C PHE A 190 16.48 6.84 10.48
N LYS A 191 16.13 5.65 10.95
CA LYS A 191 15.06 5.52 11.93
C LYS A 191 15.40 6.38 13.16
N ASP A 192 16.64 6.29 13.60
CA ASP A 192 17.10 7.03 14.78
C ASP A 192 17.10 8.55 14.56
N LEU A 193 17.39 8.99 13.34
CA LEU A 193 17.31 10.40 12.95
C LEU A 193 15.89 10.97 13.03
N GLY A 194 14.90 10.10 13.20
CA GLY A 194 13.50 10.51 13.32
C GLY A 194 12.70 10.35 12.05
N VAL A 195 13.21 9.52 11.14
CA VAL A 195 12.57 9.33 9.84
C VAL A 195 11.47 8.28 9.95
N PRO A 196 10.20 8.64 9.62
CA PRO A 196 9.15 7.67 9.69
C PRO A 196 8.89 6.89 8.40
N TYR A 197 9.58 7.26 7.34
CA TYR A 197 9.31 6.76 6.01
C TYR A 197 10.61 6.69 5.22
N LEU A 198 10.96 5.48 4.79
CA LEU A 198 12.19 5.26 4.03
C LEU A 198 11.80 4.68 2.67
N ARG A 199 12.21 5.36 1.60
CA ARG A 199 11.86 4.98 0.25
C ARG A 199 13.08 4.39 -0.44
N ILE A 200 12.98 3.08 -0.67
CA ILE A 200 14.11 2.26 -1.14
C ILE A 200 13.90 1.89 -2.59
N ASP A 201 14.73 2.47 -3.46
CA ASP A 201 14.58 2.36 -4.90
C ASP A 201 15.71 1.51 -5.50
N PHE A 202 15.48 1.09 -6.74
CA PHE A 202 16.48 0.44 -7.57
C PHE A 202 16.80 -1.00 -7.16
N LEU A 203 15.98 -1.64 -6.32
CA LEU A 203 16.27 -3.03 -6.02
C LEU A 203 16.05 -4.00 -7.18
N SER A 204 15.23 -3.68 -8.18
CA SER A 204 15.12 -4.56 -9.36
C SER A 204 16.42 -4.49 -10.17
N TRP A 205 17.01 -3.30 -10.30
CA TRP A 205 18.34 -3.19 -10.92
C TRP A 205 19.39 -3.98 -10.13
N TYR A 206 19.36 -3.87 -8.81
CA TYR A 206 20.22 -4.71 -7.96
C TYR A 206 20.06 -6.18 -8.27
N GLU A 207 18.80 -6.62 -8.30
CA GLU A 207 18.48 -8.04 -8.39
C GLU A 207 18.82 -8.64 -9.73
N ASP A 208 18.30 -8.08 -10.81
CA ASP A 208 18.55 -8.75 -12.08
C ASP A 208 19.40 -7.95 -13.07
N GLY A 209 19.89 -6.77 -12.67
CA GLY A 209 20.83 -6.03 -13.50
C GLY A 209 20.29 -5.53 -14.85
N ARG A 210 18.97 -5.42 -14.94
CA ARG A 210 18.20 -5.21 -16.19
C ARG A 210 17.15 -4.14 -15.96
N ASP A 211 16.78 -3.43 -17.03
CA ASP A 211 15.55 -2.63 -17.05
C ASP A 211 14.93 -2.76 -18.44
N ALA A 212 13.64 -3.08 -18.49
CA ALA A 212 12.93 -3.25 -19.75
C ALA A 212 12.88 -2.01 -20.63
N ASN A 213 13.11 -0.83 -20.06
CA ASN A 213 13.24 0.42 -20.84
C ASN A 213 14.62 0.66 -21.43
N ILE A 214 15.63 -0.06 -20.94
CA ILE A 214 17.03 0.30 -21.23
C ILE A 214 17.80 -0.85 -21.86
N GLY A 215 17.77 -2.01 -21.18
CA GLY A 215 18.70 -3.09 -21.43
C GLY A 215 19.41 -3.46 -20.15
N GLN A 216 20.68 -3.86 -20.27
CA GLN A 216 21.48 -4.17 -19.11
C GLN A 216 21.89 -2.88 -18.44
N VAL A 217 21.80 -2.85 -17.11
CA VAL A 217 22.18 -1.67 -16.35
C VAL A 217 23.36 -1.91 -15.39
N ASN A 218 23.46 -3.10 -14.81
CA ASN A 218 24.60 -3.46 -13.94
C ASN A 218 24.66 -4.95 -13.69
N ALA A 219 25.61 -5.39 -12.85
CA ALA A 219 25.69 -6.80 -12.53
C ALA A 219 24.42 -7.24 -11.81
N PRO A 220 23.88 -8.43 -12.13
CA PRO A 220 22.80 -8.98 -11.33
C PRO A 220 23.32 -9.54 -10.03
N HIS A 221 22.47 -9.54 -9.00
CA HIS A 221 22.81 -10.13 -7.70
C HIS A 221 21.92 -11.27 -7.26
N GLY A 222 20.80 -11.44 -7.94
CA GLY A 222 20.00 -12.65 -7.79
C GLY A 222 18.89 -12.58 -6.75
N ARG A 223 17.93 -13.48 -6.91
CA ARG A 223 16.75 -13.51 -6.07
C ARG A 223 17.04 -13.81 -4.60
N ALA A 224 17.89 -14.78 -4.34
CA ALA A 224 18.18 -15.12 -2.95
C ALA A 224 18.75 -13.92 -2.20
N ASN A 225 19.66 -13.19 -2.84
CA ASN A 225 20.28 -12.05 -2.20
C ASN A 225 19.31 -10.92 -1.99
N TYR A 226 18.44 -10.70 -2.97
CA TYR A 226 17.36 -9.72 -2.85
C TYR A 226 16.46 -10.03 -1.66
N GLU A 227 16.02 -11.27 -1.54
CA GLU A 227 15.13 -11.67 -0.44
C GLU A 227 15.82 -11.56 0.92
N LEU A 228 17.11 -11.90 0.97
CA LEU A 228 17.89 -11.75 2.20
C LEU A 228 18.00 -10.28 2.60
N ALA A 229 18.36 -9.43 1.65
CA ALA A 229 18.46 -7.99 1.89
C ALA A 229 17.13 -7.42 2.38
N LEU A 230 16.03 -7.81 1.74
CA LEU A 230 14.72 -7.36 2.18
C LEU A 230 14.42 -7.79 3.62
N SER A 231 14.79 -9.03 3.97
CA SER A 231 14.57 -9.50 5.33
C SER A 231 15.34 -8.68 6.36
N TRP A 232 16.57 -8.30 6.03
CA TRP A 232 17.35 -7.45 6.92
C TRP A 232 16.73 -6.06 7.12
N ILE A 233 16.25 -5.48 6.03
CA ILE A 233 15.63 -4.16 6.04
C ILE A 233 14.35 -4.17 6.89
N ASN A 234 13.53 -5.19 6.68
CA ASN A 234 12.30 -5.39 7.43
C ASN A 234 12.57 -5.44 8.92
N GLU A 235 13.48 -6.32 9.31
CA GLU A 235 13.82 -6.44 10.73
C GLU A 235 14.34 -5.14 11.33
N ALA A 236 15.22 -4.45 10.62
CA ALA A 236 15.82 -3.22 11.11
C ALA A 236 14.81 -2.06 11.20
N ALA A 237 13.85 -2.01 10.26
CA ALA A 237 12.85 -0.93 10.27
C ALA A 237 11.86 -1.11 11.41
N GLY A 238 11.55 -2.37 11.70
CA GLY A 238 10.62 -2.69 12.77
C GLY A 238 9.27 -2.04 12.56
N GLU A 239 8.66 -1.63 13.67
CA GLU A 239 7.35 -0.97 13.68
C GLU A 239 7.47 0.54 13.68
N ASP A 240 8.70 1.07 13.72
CA ASP A 240 8.91 2.52 13.85
C ASP A 240 8.98 3.26 12.52
N MET A 241 9.41 2.57 11.48
CA MET A 241 9.66 3.20 10.17
C MET A 241 9.01 2.39 9.06
N GLU A 242 8.31 3.12 8.20
CA GLU A 242 7.58 2.57 7.10
C GLU A 242 8.51 2.32 5.91
N VAL A 243 8.36 1.16 5.31
CA VAL A 243 9.27 0.68 4.27
C VAL A 243 8.57 0.74 2.91
N SER A 244 9.02 1.66 2.08
CA SER A 244 8.52 1.84 0.71
C SER A 244 9.49 1.20 -0.27
N LEU A 245 8.98 0.29 -1.09
CA LEU A 245 9.77 -0.38 -2.11
C LEU A 245 9.41 0.25 -3.44
N VAL A 246 10.36 0.95 -4.03
CA VAL A 246 10.07 1.86 -5.13
C VAL A 246 10.25 1.20 -6.49
N PRO A 248 9.92 -2.51 -7.31
CA PRO A 248 9.72 -3.95 -7.03
C PRO A 248 9.56 -4.75 -8.32
N HIS A 249 10.29 -5.85 -8.48
CA HIS A 249 10.04 -6.76 -9.60
C HIS A 249 8.73 -7.53 -9.40
N MET A 250 8.32 -7.73 -8.16
CA MET A 250 7.07 -8.43 -7.80
C MET A 250 7.03 -9.87 -8.30
N PHE A 251 8.18 -10.55 -8.30
CA PHE A 251 8.23 -11.99 -8.58
C PHE A 251 7.26 -12.77 -7.71
N GLN A 252 6.67 -13.82 -8.28
CA GLN A 252 5.80 -14.71 -7.53
C GLN A 252 4.67 -13.94 -6.86
N ASP A 253 3.98 -13.14 -7.68
CA ASP A 253 2.83 -12.38 -7.20
C ASP A 253 3.21 -11.47 -6.00
N GLY A 254 4.39 -10.88 -6.08
CA GLY A 254 4.87 -9.97 -5.05
C GLY A 254 5.25 -10.58 -3.72
N SER A 255 5.64 -11.85 -3.71
CA SER A 255 5.83 -12.54 -2.43
C SER A 255 6.88 -11.92 -1.49
N ALA A 256 8.06 -11.62 -2.01
CA ALA A 256 9.13 -11.07 -1.15
C ALA A 256 8.80 -9.66 -0.67
N GLU A 257 8.17 -8.88 -1.56
CA GLU A 257 7.80 -7.51 -1.22
C GLU A 257 6.72 -7.49 -0.16
N LEU A 258 5.73 -8.35 -0.32
CA LEU A 258 4.65 -8.46 0.66
C LEU A 258 5.17 -8.93 2.02
N ALA A 259 6.13 -9.85 1.99
CA ALA A 259 6.73 -10.39 3.23
C ALA A 259 7.60 -9.38 3.97
N ASN A 260 8.12 -8.37 3.26
CA ASN A 260 9.15 -7.50 3.84
C ASN A 260 8.93 -5.99 3.80
N GLY A 261 7.89 -5.55 3.10
CA GLY A 261 7.67 -4.12 2.92
C GLY A 261 6.29 -3.66 3.32
N ASP A 262 6.10 -2.35 3.32
CA ASP A 262 4.78 -1.76 3.57
C ASP A 262 4.11 -1.25 2.29
N LEU A 263 4.89 -0.60 1.43
CA LEU A 263 4.38 -0.03 0.18
C LEU A 263 5.16 -0.56 -1.01
N VAL A 264 4.45 -0.72 -2.13
CA VAL A 264 5.07 -1.06 -3.42
C VAL A 264 4.58 -0.11 -4.51
N ARG A 265 5.50 0.43 -5.28
CA ARG A 265 5.14 1.18 -6.49
C ARG A 265 4.45 0.25 -7.49
N ILE A 266 3.36 0.75 -8.07
CA ILE A 266 2.55 -0.04 -9.00
C ILE A 266 2.45 0.54 -10.41
N ASN A 267 3.28 1.53 -10.69
CA ASN A 267 3.27 2.25 -11.97
C ASN A 267 4.63 2.72 -12.38
N ALA A 268 4.78 3.03 -13.65
CA ALA A 268 5.91 3.80 -14.12
C ALA A 268 5.90 5.19 -13.48
N ASP A 269 7.04 5.86 -13.53
CA ASP A 269 7.23 7.13 -12.84
C ASP A 269 6.23 8.19 -13.30
N ALA A 270 5.87 9.06 -12.37
CA ALA A 270 5.07 10.22 -12.74
C ALA A 270 5.68 11.01 -13.89
N ASP A 271 7.01 11.17 -13.91
CA ASP A 271 7.69 11.77 -15.05
C ASP A 271 7.08 13.16 -15.29
N LYS A 272 6.77 13.51 -16.53
CA LYS A 272 6.22 14.81 -16.89
C LYS A 272 4.77 14.97 -16.44
N GLY A 273 4.19 13.92 -15.86
CA GLY A 273 2.86 14.02 -15.28
C GLY A 273 1.79 14.05 -16.36
N GLY A 274 0.66 14.61 -15.99
CA GLY A 274 -0.49 14.68 -16.89
C GLY A 274 -1.20 13.36 -17.11
N TRP A 275 -2.22 13.44 -17.94
CA TRP A 275 -3.13 12.32 -18.16
C TRP A 275 -2.44 11.10 -18.73
N ASP A 276 -1.49 11.29 -19.65
CA ASP A 276 -0.88 10.13 -20.27
C ASP A 276 -0.11 9.28 -19.24
N ARG A 277 0.49 9.91 -18.25
CA ARG A 277 1.16 9.17 -17.19
C ARG A 277 0.15 8.56 -16.23
N LEU A 278 -0.97 9.22 -16.00
CA LEU A 278 -1.98 8.68 -15.10
C LEU A 278 -2.76 7.52 -15.67
N SER A 279 -3.01 7.54 -16.98
CA SER A 279 -3.97 6.63 -17.59
C SER A 279 -3.54 6.05 -18.94
N GLY A 280 -2.43 6.50 -19.48
CA GLY A 280 -2.01 6.10 -20.83
C GLY A 280 -0.77 5.22 -20.86
N MET A 281 0.05 5.48 -21.89
CA MET A 281 1.31 4.76 -22.18
C MET A 281 1.06 3.39 -22.77
N ARG A 282 0.58 2.47 -21.96
CA ARG A 282 0.18 1.12 -22.37
C ARG A 282 -0.74 0.60 -21.28
N GLN A 283 -1.64 -0.29 -21.63
CA GLN A 283 -2.56 -0.89 -20.66
C GLN A 283 -2.16 -2.32 -20.35
N ASN A 284 -1.32 -2.93 -21.18
CA ASN A 284 -0.97 -4.33 -20.96
C ASN A 284 0.00 -4.53 -19.79
N TRP A 285 -0.06 -5.72 -19.23
CA TRP A 285 0.89 -6.21 -18.23
C TRP A 285 2.17 -6.70 -18.91
N GLN A 286 3.30 -6.51 -18.25
CA GLN A 286 4.56 -7.16 -18.63
C GLN A 286 5.16 -7.77 -17.37
N ASP A 287 6.07 -8.73 -17.52
CA ASP A 287 6.65 -9.42 -16.36
C ASP A 287 7.75 -8.64 -15.63
N ALA A 288 8.16 -7.54 -16.19
CA ALA A 288 9.29 -6.76 -15.69
C ALA A 288 8.83 -5.48 -15.05
N TRP A 289 9.63 -4.95 -14.15
CA TRP A 289 9.37 -3.63 -13.57
C TRP A 289 9.15 -2.58 -14.65
N PRO A 290 8.07 -1.80 -14.56
CA PRO A 290 6.88 -1.95 -13.75
C PRO A 290 5.87 -2.82 -14.49
N ASN A 291 5.16 -3.68 -13.79
CA ASN A 291 4.27 -4.61 -14.49
C ASN A 291 3.26 -3.86 -15.33
N TRP A 292 2.61 -2.88 -14.71
CA TRP A 292 1.72 -1.97 -15.42
C TRP A 292 2.33 -0.57 -15.42
N ALA A 293 2.08 0.18 -16.49
CA ALA A 293 2.69 1.49 -16.65
C ALA A 293 1.91 2.60 -15.94
N ASN A 294 0.60 2.63 -16.13
CA ASN A 294 -0.23 3.67 -15.53
C ASN A 294 -0.89 3.18 -14.24
N PRO A 295 -1.16 4.10 -13.30
CA PRO A 295 -1.68 3.66 -11.99
C PRO A 295 -3.13 3.18 -12.01
N PHE A 296 -3.95 3.60 -12.99
CA PHE A 296 -5.27 2.96 -13.07
C PHE A 296 -5.11 1.47 -13.21
N CYS A 297 -4.23 1.04 -14.09
CA CYS A 297 -4.03 -0.39 -14.30
C CYS A 297 -3.24 -1.04 -13.19
N GLY A 298 -2.23 -0.35 -12.68
CA GLY A 298 -1.42 -0.92 -11.61
C GLY A 298 -2.16 -1.08 -10.31
N PHE A 299 -2.90 -0.06 -9.89
CA PHE A 299 -3.74 -0.19 -8.72
C PHE A 299 -4.72 -1.33 -8.92
N THR A 300 -5.37 -1.38 -10.07
CA THR A 300 -6.36 -2.44 -10.33
C THR A 300 -5.68 -3.83 -10.30
N GLY A 301 -4.54 -3.93 -10.96
CA GLY A 301 -3.85 -5.21 -11.13
C GLY A 301 -3.23 -5.77 -9.89
N TRP A 302 -2.81 -4.90 -8.98
CA TRP A 302 -2.18 -5.33 -7.71
C TRP A 302 -3.15 -5.29 -6.53
N SER A 303 -4.42 -4.94 -6.78
CA SER A 303 -5.39 -4.78 -5.72
C SER A 303 -5.66 -6.02 -4.86
N HIS A 304 -5.43 -7.20 -5.43
CA HIS A 304 -5.60 -8.43 -4.66
C HIS A 304 -4.57 -8.54 -3.52
N ARG A 305 -3.50 -7.76 -3.58
CA ARG A 305 -2.48 -7.69 -2.53
C ARG A 305 -2.64 -6.50 -1.56
N ASN A 306 -3.72 -5.75 -1.67
CA ASN A 306 -3.89 -4.58 -0.82
C ASN A 306 -4.66 -4.90 0.45
N GLY A 307 -4.83 -3.90 1.30
CA GLY A 307 -5.66 -4.02 2.50
C GLY A 307 -4.88 -4.20 3.80
N ARG A 308 -5.63 -4.23 4.89
CA ARG A 308 -5.00 -4.21 6.21
C ARG A 308 -4.10 -5.43 6.42
N GLY A 309 -2.85 -5.14 6.73
CA GLY A 309 -1.82 -6.15 6.98
C GLY A 309 -1.14 -6.72 5.76
N GLN A 310 -1.61 -6.33 4.56
CA GLN A 310 -1.01 -6.77 3.31
C GLN A 310 -0.08 -5.66 2.78
N LEU A 311 -0.27 -5.15 1.55
CA LEU A 311 0.56 -4.05 1.07
C LEU A 311 -0.31 -2.81 0.85
N ILE A 312 0.31 -1.65 1.06
CA ILE A 312 -0.23 -0.40 0.53
C ILE A 312 0.35 -0.19 -0.86
N LEU A 313 -0.54 0.09 -1.83
CA LEU A 313 -0.09 0.34 -3.19
C LEU A 313 0.23 1.82 -3.41
N ASP A 314 1.39 2.05 -4.02
CA ASP A 314 1.95 3.40 -4.18
C ASP A 314 1.83 3.82 -5.64
N GLY A 315 0.97 4.81 -5.88
CA GLY A 315 0.78 5.39 -7.20
C GLY A 315 1.73 6.51 -7.58
N ASP A 316 2.82 6.65 -6.83
CA ASP A 316 3.85 7.65 -7.10
C ASP A 316 3.41 9.06 -6.75
N PHE A 317 3.87 10.05 -7.50
CA PHE A 317 3.68 11.43 -7.10
C PHE A 317 2.60 12.15 -7.87
N MET A 318 1.89 13.02 -7.17
CA MET A 318 0.89 13.90 -7.77
C MET A 318 1.52 15.21 -8.19
N ARG A 319 1.39 15.52 -9.47
CA ARG A 319 1.93 16.76 -10.05
C ARG A 319 0.73 17.52 -10.61
N ALA A 320 0.01 18.21 -9.72
CA ALA A 320 -1.30 18.78 -10.07
C ALA A 320 -1.21 19.70 -11.26
N SER A 321 -0.18 20.53 -11.31
CA SER A 321 -0.13 21.55 -12.34
C SER A 321 0.27 21.01 -13.73
N THR A 322 0.64 19.73 -13.81
CA THR A 322 0.96 19.10 -15.08
C THR A 322 -0.29 18.62 -15.83
N PHE A 323 -1.45 18.65 -15.17
CA PHE A 323 -2.68 18.23 -15.81
C PHE A 323 -3.31 19.40 -16.55
N ALA A 324 -4.28 19.07 -17.41
CA ALA A 324 -4.82 20.02 -18.39
C ALA A 324 -6.05 20.75 -17.86
N SER A 325 -6.66 20.23 -16.82
CA SER A 325 -7.88 20.80 -16.27
C SER A 325 -8.09 20.43 -14.83
N ASP A 326 -9.00 21.15 -14.18
CA ASP A 326 -9.33 20.88 -12.80
C ASP A 326 -10.06 19.55 -12.67
N GLU A 327 -10.85 19.14 -13.66
CA GLU A 327 -11.46 17.82 -13.58
C GLU A 327 -10.40 16.72 -13.58
N GLU A 328 -9.36 16.86 -14.40
CA GLU A 328 -8.26 15.89 -14.36
C GLU A 328 -7.54 15.88 -13.01
N ARG A 329 -7.34 17.06 -12.42
CA ARG A 329 -6.68 17.15 -11.11
C ARG A 329 -7.51 16.42 -10.06
N LYS A 330 -8.82 16.60 -10.08
CA LYS A 330 -9.70 15.88 -9.15
C LYS A 330 -9.61 14.36 -9.35
N THR A 331 -9.59 13.93 -10.61
CA THR A 331 -9.45 12.50 -10.90
C THR A 331 -8.13 11.89 -10.39
N MET A 332 -7.05 12.60 -10.58
CA MET A 332 -5.74 12.22 -10.02
C MET A 332 -5.85 11.96 -8.51
N MET A 333 -6.36 12.95 -7.78
CA MET A 333 -6.53 12.81 -6.34
C MET A 333 -7.49 11.66 -5.98
N ASN A 334 -8.63 11.61 -6.67
CA ASN A 334 -9.64 10.61 -6.35
C ASN A 334 -9.12 9.19 -6.53
N LEU A 335 -8.30 8.96 -7.55
CA LEU A 335 -7.72 7.63 -7.76
C LEU A 335 -6.78 7.25 -6.60
N MET A 336 -5.89 8.16 -6.20
CA MET A 336 -4.96 7.86 -5.10
C MET A 336 -5.72 7.54 -3.83
N VAL A 337 -6.75 8.33 -3.55
CA VAL A 337 -7.55 8.13 -2.34
C VAL A 337 -8.35 6.81 -2.43
N ALA A 338 -8.96 6.55 -3.57
CA ALA A 338 -9.77 5.34 -3.74
C ALA A 338 -8.92 4.08 -3.47
N ALA A 339 -7.67 4.11 -3.91
CA ALA A 339 -6.78 2.95 -3.82
C ALA A 339 -6.07 2.83 -2.48
N GLY A 340 -6.24 3.80 -1.58
CA GLY A 340 -5.52 3.80 -0.30
C GLY A 340 -4.05 4.10 -0.42
N SER A 341 -3.67 4.76 -1.51
CA SER A 341 -2.27 5.06 -1.78
C SER A 341 -1.74 6.15 -0.86
N PRO A 342 -0.43 6.21 -0.68
CA PRO A 342 0.15 7.46 -0.21
C PRO A 342 -0.36 8.63 -1.06
N LEU A 343 -0.48 9.79 -0.41
CA LEU A 343 -0.87 11.03 -1.06
C LEU A 343 0.37 11.93 -1.07
N ALA A 344 1.10 11.88 -2.17
CA ALA A 344 2.39 12.55 -2.29
C ALA A 344 2.29 13.72 -3.23
N ILE A 345 2.38 14.91 -2.67
CA ILE A 345 2.39 16.15 -3.45
C ILE A 345 3.80 16.34 -3.98
N ALA A 346 3.96 16.52 -5.29
CA ALA A 346 5.26 16.85 -5.89
C ALA A 346 5.31 18.27 -6.48
N ASP A 347 4.18 18.97 -6.51
CA ASP A 347 4.24 20.39 -6.86
C ASP A 347 5.16 21.11 -5.89
N THR A 348 6.06 21.92 -6.44
CA THR A 348 6.83 22.87 -5.65
C THR A 348 6.01 24.13 -5.39
N TYR A 349 6.55 25.00 -4.54
CA TYR A 349 5.93 26.29 -4.23
C TYR A 349 5.77 27.13 -5.50
N GLN A 350 6.66 26.96 -6.50
CA GLN A 350 6.50 27.66 -7.78
C GLN A 350 5.44 27.06 -8.68
N GLN A 351 5.22 25.75 -8.57
CA GLN A 351 4.33 25.06 -9.47
C GLN A 351 2.90 25.03 -8.99
N ILE A 352 2.68 25.13 -7.67
CA ILE A 352 1.37 24.88 -7.11
C ILE A 352 0.30 25.83 -7.71
N GLY A 353 0.68 27.07 -8.00
CA GLY A 353 -0.29 28.02 -8.56
C GLY A 353 -1.52 28.14 -7.68
N ASN A 354 -2.71 28.05 -8.28
CA ASN A 354 -3.95 28.03 -7.52
C ASN A 354 -4.48 26.61 -7.48
N ASN A 355 -3.62 25.62 -7.22
CA ASN A 355 -4.08 24.22 -7.18
C ASN A 355 -4.04 23.55 -5.81
N ALA A 356 -3.72 24.29 -4.76
CA ALA A 356 -3.69 23.72 -3.41
C ALA A 356 -4.99 23.00 -3.05
N TRP A 357 -6.10 23.54 -3.53
CA TRP A 357 -7.42 23.00 -3.27
C TRP A 357 -7.56 21.50 -3.59
N VAL A 358 -6.85 21.01 -4.60
CA VAL A 358 -7.04 19.61 -5.02
C VAL A 358 -6.61 18.66 -3.90
N TYR A 359 -5.65 19.10 -3.09
CA TYR A 359 -5.07 18.29 -2.03
C TYR A 359 -5.74 18.46 -0.66
N THR A 360 -6.61 19.47 -0.53
CA THR A 360 -7.08 19.91 0.79
C THR A 360 -8.59 19.87 0.94
N ASN A 361 -9.25 19.01 0.16
CA ASN A 361 -10.69 18.78 0.36
C ASN A 361 -10.85 17.90 1.60
N LYS A 362 -11.38 18.46 2.68
CA LYS A 362 -11.33 17.75 3.95
C LYS A 362 -12.15 16.46 3.92
N GLU A 363 -13.23 16.43 3.17
CA GLU A 363 -14.05 15.22 3.11
C GLU A 363 -13.38 14.10 2.34
N VAL A 364 -12.64 14.46 1.29
CA VAL A 364 -11.87 13.47 0.54
C VAL A 364 -10.73 12.99 1.42
N LEU A 365 -10.03 13.90 2.06
CA LEU A 365 -8.95 13.51 2.98
C LEU A 365 -9.47 12.62 4.10
N GLN A 366 -10.72 12.85 4.53
CA GLN A 366 -11.27 12.06 5.63
C GLN A 366 -11.32 10.59 5.26
N LEU A 367 -11.51 10.26 3.98
CA LEU A 367 -11.47 8.88 3.53
C LEU A 367 -10.11 8.27 3.81
N ASN A 368 -9.06 9.03 3.50
CA ASN A 368 -7.70 8.58 3.78
C ASN A 368 -7.43 8.47 5.29
N ALA A 369 -7.85 9.46 6.06
CA ALA A 369 -7.69 9.41 7.53
C ALA A 369 -8.39 8.21 8.14
N ASP A 370 -9.58 7.89 7.62
CA ASP A 370 -10.39 6.79 8.17
C ASP A 370 -9.88 5.41 7.71
N GLY A 371 -8.95 5.39 6.76
CA GLY A 371 -8.31 4.16 6.33
C GLY A 371 -9.00 3.45 5.17
N LEU A 372 -9.49 4.24 4.21
CA LEU A 372 -10.04 3.66 3.00
C LEU A 372 -8.98 2.98 2.16
N VAL A 373 -9.18 1.70 1.89
CA VAL A 373 -8.40 0.98 0.88
C VAL A 373 -9.39 0.31 -0.05
N GLY A 374 -9.65 0.91 -1.20
CA GLY A 374 -10.63 0.39 -2.13
C GLY A 374 -10.09 -0.75 -2.95
N LYS A 375 -11.01 -1.47 -3.56
CA LYS A 375 -10.73 -2.39 -4.62
C LYS A 375 -11.52 -1.96 -5.84
N PRO A 376 -10.97 -2.25 -7.03
CA PRO A 376 -11.78 -2.13 -8.24
C PRO A 376 -12.93 -3.14 -8.17
N LEU A 377 -14.01 -2.90 -8.87
CA LEU A 377 -15.08 -3.90 -8.88
C LEU A 377 -14.56 -5.20 -9.53
N TYR A 378 -14.50 -6.29 -8.76
CA TYR A 378 -14.05 -7.54 -9.33
C TYR A 378 -15.17 -8.12 -10.18
N ARG A 379 -14.80 -8.61 -11.36
CA ARG A 379 -15.72 -9.18 -12.33
C ARG A 379 -15.46 -10.68 -12.56
N SER A 380 -14.23 -11.13 -12.37
CA SER A 380 -13.95 -12.57 -12.38
C SER A 380 -12.72 -12.87 -11.54
N ALA A 381 -12.40 -14.16 -11.42
CA ALA A 381 -11.26 -14.61 -10.61
C ALA A 381 -9.91 -14.49 -11.31
N THR A 382 -9.92 -14.33 -12.64
CA THR A 382 -8.71 -14.41 -13.43
C THR A 382 -7.78 -13.25 -13.07
N PRO A 383 -6.49 -13.54 -12.86
CA PRO A 383 -5.58 -12.43 -12.60
C PRO A 383 -5.71 -11.35 -13.66
N PHE A 384 -5.67 -10.10 -13.25
CA PHE A 384 -5.82 -8.98 -14.16
C PHE A 384 -4.66 -8.93 -15.18
N SER A 385 -3.50 -9.47 -14.79
CA SER A 385 -2.35 -9.60 -15.67
C SER A 385 -2.63 -10.51 -16.86
N LYS A 386 -3.58 -11.43 -16.71
CA LYS A 386 -3.97 -12.34 -17.79
C LYS A 386 -5.24 -11.94 -18.54
N ASP A 387 -6.17 -11.27 -17.85
CA ASP A 387 -7.42 -10.85 -18.46
C ASP A 387 -7.82 -9.47 -17.89
N PRO A 388 -7.67 -8.40 -18.71
CA PRO A 388 -8.05 -7.07 -18.22
C PRO A 388 -9.55 -6.88 -17.97
N GLY A 389 -10.37 -7.82 -18.43
CA GLY A 389 -11.79 -7.82 -18.08
C GLY A 389 -12.12 -8.27 -16.68
N SER A 390 -11.13 -8.77 -15.93
CA SER A 390 -11.43 -9.40 -14.65
C SER A 390 -11.73 -8.43 -13.51
N ARG A 391 -11.38 -7.16 -13.70
CA ARG A 391 -11.59 -6.11 -12.71
C ARG A 391 -11.86 -4.81 -13.46
N ASP A 392 -12.63 -3.92 -12.86
CA ASP A 392 -13.03 -2.67 -13.51
C ASP A 392 -12.17 -1.53 -12.99
N THR A 393 -11.29 -1.01 -13.85
CA THR A 393 -10.38 0.06 -13.45
C THR A 393 -11.12 1.35 -13.09
N GLU A 394 -12.37 1.46 -13.56
CA GLU A 394 -13.12 2.71 -13.47
C GLU A 394 -14.17 2.80 -12.36
N ARG A 395 -14.32 1.74 -11.57
CA ARG A 395 -15.28 1.74 -10.47
C ARG A 395 -14.63 1.08 -9.27
N TRP A 396 -14.48 1.86 -8.20
CA TRP A 396 -13.78 1.47 -6.99
C TRP A 396 -14.67 1.63 -5.77
N ALA A 397 -14.52 0.71 -4.81
CA ALA A 397 -15.18 0.84 -3.52
C ALA A 397 -14.36 0.20 -2.44
N GLY A 398 -14.47 0.75 -1.25
CA GLY A 398 -13.86 0.17 -0.08
C GLY A 398 -14.65 0.56 1.13
N GLN A 399 -14.52 -0.26 2.18
CA GLN A 399 -15.28 -0.07 3.38
C GLN A 399 -14.39 0.46 4.48
N LEU A 400 -14.89 1.42 5.23
CA LEU A 400 -14.23 1.95 6.40
C LEU A 400 -14.54 1.06 7.61
N PRO A 401 -13.69 1.13 8.64
CA PRO A 401 -13.93 0.31 9.83
C PRO A 401 -15.32 0.45 10.42
N ASP A 402 -15.92 1.64 10.34
CA ASP A 402 -17.26 1.83 10.92
C ASP A 402 -18.39 1.30 10.03
N GLY A 403 -18.06 0.68 8.89
CA GLY A 403 -19.07 0.08 8.02
C GLY A 403 -19.51 0.97 6.86
N SER A 404 -19.20 2.27 6.92
CA SER A 404 -19.45 3.18 5.81
C SER A 404 -18.48 2.85 4.68
N TRP A 405 -18.69 3.48 3.53
CA TRP A 405 -17.92 3.18 2.33
C TRP A 405 -17.43 4.42 1.62
N GLY A 406 -16.30 4.29 0.94
CA GLY A 406 -15.87 5.21 -0.10
C GLY A 406 -16.13 4.58 -1.44
N VAL A 407 -16.78 5.31 -2.34
CA VAL A 407 -17.08 4.82 -3.68
C VAL A 407 -16.61 5.85 -4.69
N ALA A 408 -15.81 5.41 -5.67
CA ALA A 408 -15.24 6.31 -6.69
C ALA A 408 -15.54 5.80 -8.07
N LEU A 409 -15.98 6.72 -8.93
CA LEU A 409 -16.39 6.42 -10.29
C LEU A 409 -15.56 7.27 -11.24
N PHE A 410 -15.03 6.65 -12.30
CA PHE A 410 -14.09 7.32 -13.21
C PHE A 410 -14.52 7.15 -14.65
N ASN A 411 -14.24 8.17 -15.46
CA ASN A 411 -14.40 8.04 -16.90
C ASN A 411 -13.09 8.31 -17.60
N ARG A 412 -12.45 7.23 -18.04
CA ARG A 412 -11.14 7.32 -18.70
C ARG A 412 -11.22 7.57 -20.20
N SER A 413 -12.42 7.68 -20.76
CA SER A 413 -12.54 8.06 -22.17
C SER A 413 -11.97 9.46 -22.39
N ASP A 414 -11.31 9.67 -23.53
CA ASP A 414 -10.82 11.00 -23.89
C ASP A 414 -11.89 11.84 -24.55
N THR A 415 -12.98 11.22 -24.98
CA THR A 415 -13.96 11.91 -25.82
C THR A 415 -15.42 11.81 -25.36
N GLU A 416 -15.82 10.65 -24.84
CA GLU A 416 -17.22 10.45 -24.55
C GLU A 416 -17.56 10.71 -23.11
N THR A 417 -18.77 11.21 -22.91
CA THR A 417 -19.41 11.26 -21.62
C THR A 417 -20.02 9.90 -21.35
N VAL A 418 -19.75 9.35 -20.17
CA VAL A 418 -20.10 7.97 -19.83
C VAL A 418 -20.66 7.93 -18.42
N THR A 419 -21.77 7.21 -18.28
CA THR A 419 -22.40 6.97 -16.99
C THR A 419 -21.74 5.77 -16.32
N LYS A 420 -21.39 5.94 -15.05
CA LYS A 420 -20.84 4.86 -14.23
C LYS A 420 -21.72 4.72 -13.01
N THR A 421 -21.94 3.48 -12.56
CA THR A 421 -22.79 3.18 -11.42
C THR A 421 -22.22 2.06 -10.57
N ILE A 422 -22.31 2.24 -9.26
CA ILE A 422 -22.11 1.16 -8.30
C ILE A 422 -23.44 0.95 -7.58
N ASP A 423 -23.96 -0.26 -7.71
CA ASP A 423 -25.22 -0.66 -7.08
C ASP A 423 -24.92 -1.31 -5.74
N PHE A 424 -25.56 -0.79 -4.71
CA PHE A 424 -25.22 -1.24 -3.35
C PHE A 424 -25.58 -2.70 -3.09
N ALA A 425 -26.65 -3.20 -3.69
CA ALA A 425 -26.99 -4.62 -3.55
C ALA A 425 -26.18 -5.49 -4.49
N LYS A 426 -26.26 -5.19 -5.79
CA LYS A 426 -25.71 -6.09 -6.78
C LYS A 426 -24.18 -6.06 -6.86
N ASP A 427 -23.59 -4.89 -6.63
CA ASP A 427 -22.14 -4.75 -6.68
C ASP A 427 -21.50 -4.88 -5.30
N LEU A 428 -21.93 -4.09 -4.32
CA LEU A 428 -21.32 -4.12 -2.99
C LEU A 428 -21.80 -5.29 -2.13
N GLY A 429 -23.03 -5.75 -2.33
CA GLY A 429 -23.54 -6.90 -1.58
C GLY A 429 -24.23 -6.54 -0.28
N LEU A 430 -24.83 -5.35 -0.22
CA LEU A 430 -25.53 -4.85 0.97
C LEU A 430 -27.03 -5.09 0.84
N ALA A 431 -27.69 -5.19 1.99
CA ALA A 431 -29.15 -5.38 2.04
C ALA A 431 -29.90 -4.08 2.34
N THR A 432 -29.16 -3.00 2.59
CA THR A 432 -29.67 -1.82 3.28
C THR A 432 -29.76 -0.53 2.47
N GLY A 433 -29.08 -0.45 1.34
CA GLY A 433 -28.88 0.87 0.72
C GLY A 433 -28.03 1.74 1.62
N GLY A 434 -27.96 3.04 1.32
CA GLY A 434 -27.18 3.94 2.15
C GLY A 434 -27.35 5.41 1.86
N ASN A 435 -27.07 6.26 2.85
CA ASN A 435 -27.00 7.71 2.64
C ASN A 435 -25.78 7.99 1.79
N VAL A 436 -25.95 8.83 0.76
CA VAL A 436 -24.86 9.12 -0.18
C VAL A 436 -24.53 10.60 -0.14
N ARG A 437 -23.26 10.89 0.04
CA ARG A 437 -22.76 12.27 -0.05
C ARG A 437 -21.71 12.35 -1.14
N ASP A 438 -21.91 13.30 -2.06
CA ASP A 438 -20.94 13.64 -3.10
C ASP A 438 -19.88 14.58 -2.50
N LEU A 439 -18.62 14.15 -2.49
CA LEU A 439 -17.60 14.83 -1.69
C LEU A 439 -16.93 16.02 -2.38
N TRP A 440 -17.16 16.19 -3.69
CA TRP A 440 -16.71 17.41 -4.37
C TRP A 440 -17.83 18.43 -4.51
N GLU A 441 -19.08 17.97 -4.65
CA GLU A 441 -20.23 18.88 -4.54
C GLU A 441 -20.47 19.27 -3.08
N HIS A 442 -19.95 18.48 -2.14
CA HIS A 442 -20.27 18.66 -0.71
C HIS A 442 -21.78 18.71 -0.55
N ARG A 443 -22.43 17.66 -1.06
CA ARG A 443 -23.88 17.58 -1.15
C ARG A 443 -24.41 16.25 -0.66
N ASN A 444 -25.40 16.28 0.23
CA ASN A 444 -26.09 15.08 0.63
C ASN A 444 -27.16 14.72 -0.40
N LEU A 445 -27.07 13.52 -0.94
CA LEU A 445 -28.04 13.04 -1.92
C LEU A 445 -29.15 12.21 -1.26
N GLY A 446 -29.04 12.00 0.04
CA GLY A 446 -30.01 11.24 0.80
C GLY A 446 -29.87 9.74 0.60
N MET A 447 -30.90 9.01 1.02
CA MET A 447 -30.91 7.57 0.97
C MET A 447 -31.02 7.07 -0.46
N ASP A 448 -30.20 6.08 -0.83
CA ASP A 448 -30.18 5.58 -2.19
C ASP A 448 -29.76 4.13 -2.24
N SER A 449 -29.94 3.52 -3.42
CA SER A 449 -29.65 2.13 -3.69
C SER A 449 -28.37 1.97 -4.52
N ARG A 450 -27.82 3.10 -4.94
CA ARG A 450 -26.69 3.13 -5.86
C ARG A 450 -26.00 4.49 -5.79
N ALA A 451 -24.76 4.53 -6.29
CA ALA A 451 -24.05 5.77 -6.55
C ALA A 451 -23.80 5.80 -8.04
N THR A 452 -24.13 6.92 -8.66
CA THR A 452 -24.04 7.03 -10.12
C THR A 452 -23.60 8.44 -10.52
N ALA A 453 -22.97 8.53 -11.68
CA ALA A 453 -22.59 9.83 -12.24
C ALA A 453 -22.46 9.74 -13.74
N ALA A 454 -22.94 10.77 -14.42
CA ALA A 454 -22.71 10.94 -15.84
C ALA A 454 -21.47 11.81 -15.97
N LEU A 455 -20.36 11.17 -16.31
CA LEU A 455 -19.06 11.79 -16.20
C LEU A 455 -18.52 12.26 -17.53
N ALA A 456 -18.08 13.51 -17.57
CA ALA A 456 -17.35 14.02 -18.73
C ALA A 456 -16.04 13.25 -18.90
N PRO A 457 -15.44 13.35 -20.08
CA PRO A 457 -14.15 12.72 -20.32
C PRO A 457 -13.13 13.14 -19.28
N HIS A 458 -12.46 12.14 -18.70
CA HIS A 458 -11.42 12.30 -17.67
C HIS A 458 -11.94 12.74 -16.30
N ALA A 459 -13.26 12.87 -16.15
CA ALA A 459 -13.84 13.28 -14.88
C ALA A 459 -14.16 12.09 -14.00
N SER A 460 -14.41 12.39 -12.72
CA SER A 460 -14.69 11.35 -11.75
C SER A 460 -15.61 11.90 -10.68
N ALA A 461 -16.12 11.01 -9.84
CA ALA A 461 -16.91 11.39 -8.69
C ALA A 461 -16.53 10.47 -7.54
N ILE A 462 -16.52 11.01 -6.33
CA ILE A 462 -16.24 10.20 -5.17
C ILE A 462 -17.30 10.51 -4.09
N PHE A 463 -17.71 9.45 -3.40
CA PHE A 463 -18.84 9.50 -2.47
C PHE A 463 -18.50 8.84 -1.14
N ARG A 464 -19.09 9.38 -0.06
CA ARG A 464 -19.17 8.65 1.19
C ARG A 464 -20.57 8.05 1.26
N VAL A 465 -20.63 6.74 1.43
CA VAL A 465 -21.89 5.99 1.50
C VAL A 465 -22.04 5.41 2.91
N THR A 466 -23.14 5.73 3.57
CA THR A 466 -23.31 5.42 4.98
C THR A 466 -24.59 4.61 5.14
N PRO A 467 -24.47 3.28 5.15
CA PRO A 467 -25.66 2.45 5.37
C PRO A 467 -26.34 2.74 6.71
N PRO A 468 -27.67 2.63 6.75
CA PRO A 468 -28.36 2.65 8.05
C PRO A 468 -28.05 1.37 8.81
N LYS A 469 -28.17 1.40 10.12
CA LYS A 469 -27.87 0.24 10.96
C LYS A 469 -29.04 -0.11 11.85
N MET A 470 -30.04 -0.83 11.31
CA MET A 470 -31.12 -1.36 12.14
C MET A 470 -30.53 -2.26 13.22
N HIS A 471 -30.82 -1.92 14.48
CA HIS A 471 -30.25 -2.58 15.66
C HIS A 471 -28.75 -2.93 15.55
N GLY A 472 -27.98 -1.98 15.00
CA GLY A 472 -26.53 -2.08 14.99
C GLY A 472 -25.91 -2.96 13.91
N THR A 473 -26.72 -3.56 13.06
CA THR A 473 -26.21 -4.56 12.11
C THR A 473 -25.31 -3.89 11.07
N THR A 474 -24.07 -4.39 10.97
CA THR A 474 -23.07 -3.86 10.04
C THR A 474 -22.52 -5.01 9.20
N ARG A 475 -22.71 -4.94 7.88
CA ARG A 475 -22.26 -6.01 7.00
C ARG A 475 -20.94 -5.61 6.34
N TYR A 476 -19.98 -6.53 6.37
CA TYR A 476 -18.68 -6.36 5.69
C TYR A 476 -18.55 -7.43 4.61
N PRO A 477 -18.73 -7.06 3.34
CA PRO A 477 -18.57 -8.02 2.24
C PRO A 477 -17.11 -8.50 2.07
N ALA A 478 -16.92 -9.80 1.94
CA ALA A 478 -15.58 -10.38 1.81
C ALA A 478 -14.89 -9.96 0.52
N ALA A 479 -15.65 -9.77 -0.56
CA ALA A 479 -15.09 -9.41 -1.87
C ALA A 479 -14.44 -8.04 -1.90
N PHE A 480 -14.68 -7.23 -0.88
CA PHE A 480 -14.06 -5.90 -0.75
C PHE A 480 -13.09 -5.78 0.42
N ALA A 481 -12.82 -6.89 1.10
CA ALA A 481 -11.90 -6.93 2.23
C ALA A 481 -10.45 -7.23 1.77
N ALA A 482 -9.57 -7.47 2.73
CA ALA A 482 -8.18 -7.81 2.44
C ALA A 482 -8.03 -9.33 2.39
N TRP A 483 -7.28 -9.80 1.42
CA TRP A 483 -7.08 -11.23 1.18
C TRP A 483 -5.61 -11.56 1.32
N GLY A 484 -5.32 -12.71 1.91
CA GLY A 484 -3.94 -13.17 2.04
C GLY A 484 -3.82 -14.67 1.92
N GLY A 485 -2.59 -15.14 1.68
CA GLY A 485 -2.26 -16.55 1.72
C GLY A 485 -2.95 -17.46 0.74
N GLY A 486 -3.47 -16.92 -0.36
CA GLY A 486 -4.16 -17.72 -1.36
C GLY A 486 -5.67 -17.46 -1.42
N ALA A 487 -6.22 -16.81 -0.41
CA ALA A 487 -7.62 -16.41 -0.48
C ALA A 487 -7.79 -15.47 -1.66
N GLY A 488 -8.93 -15.53 -2.31
CA GLY A 488 -9.17 -14.67 -3.47
C GLY A 488 -10.62 -14.62 -3.87
N PHE A 489 -10.90 -13.80 -4.86
CA PHE A 489 -12.25 -13.56 -5.35
C PHE A 489 -12.74 -14.69 -6.25
N ASN A 490 -14.02 -15.06 -6.07
CA ASN A 490 -14.67 -15.83 -7.12
C ASN A 490 -16.15 -15.52 -7.17
N TYR A 491 -16.81 -16.06 -8.19
CA TYR A 491 -18.23 -15.82 -8.43
C TYR A 491 -18.85 -17.03 -9.13
N ASN A 492 -18.23 -18.20 -8.96
CA ASN A 492 -18.55 -19.35 -9.80
C ASN A 492 -19.58 -20.33 -9.21
N HIS A 493 -20.25 -19.93 -8.14
CA HIS A 493 -21.43 -20.63 -7.62
C HIS A 493 -22.49 -19.57 -7.31
N PRO A 494 -23.70 -19.71 -7.87
CA PRO A 494 -24.71 -18.68 -7.60
C PRO A 494 -25.18 -18.58 -6.14
N GLY A 495 -25.83 -17.47 -5.82
CA GLY A 495 -26.49 -17.30 -4.52
C GLY A 495 -25.81 -16.33 -3.57
N TYR A 496 -24.58 -15.95 -3.90
CA TYR A 496 -23.87 -14.90 -3.15
C TYR A 496 -24.60 -13.55 -3.24
N ASP A 497 -24.46 -12.76 -2.17
CA ASP A 497 -24.85 -11.36 -2.14
C ASP A 497 -23.70 -10.55 -2.73
N GLY A 498 -24.02 -9.58 -3.59
CA GLY A 498 -23.00 -8.70 -4.18
C GLY A 498 -22.36 -9.28 -5.41
N ASN A 499 -21.11 -8.89 -5.64
CA ASN A 499 -20.42 -9.24 -6.86
C ASN A 499 -19.76 -10.62 -6.81
N GLY A 500 -19.64 -11.18 -5.61
CA GLY A 500 -18.99 -12.47 -5.45
C GLY A 500 -18.68 -12.78 -4.01
N PHE A 501 -17.67 -13.61 -3.82
CA PHE A 501 -17.31 -14.14 -2.51
C PHE A 501 -15.81 -14.45 -2.52
N VAL A 502 -15.30 -14.95 -1.39
CA VAL A 502 -13.90 -15.34 -1.29
C VAL A 502 -13.80 -16.86 -1.24
N ASP A 503 -12.93 -17.40 -2.08
CA ASP A 503 -12.59 -18.82 -2.02
C ASP A 503 -11.08 -18.96 -1.77
N GLY A 504 -10.55 -20.17 -1.93
CA GLY A 504 -9.16 -20.46 -1.56
C GLY A 504 -8.97 -20.69 -0.07
N LEU A 505 -10.07 -20.77 0.67
CA LEU A 505 -10.04 -21.02 2.10
C LEU A 505 -10.10 -22.53 2.28
N GLN A 506 -9.03 -23.17 1.82
CA GLN A 506 -8.93 -24.62 1.72
C GLN A 506 -7.48 -25.03 2.00
N ALA A 507 -7.26 -26.32 2.24
CA ALA A 507 -5.90 -26.82 2.42
C ALA A 507 -5.12 -26.69 1.13
N GLY A 508 -3.83 -26.49 1.29
CA GLY A 508 -2.94 -26.44 0.17
C GLY A 508 -1.51 -26.60 0.61
N SER A 509 -0.68 -26.58 -0.39
CA SER A 509 0.70 -26.79 -0.20
C SER A 509 1.24 -25.41 -0.35
N GLY A 510 1.93 -25.00 0.66
CA GLY A 510 2.40 -23.67 0.71
C GLY A 510 2.90 -23.56 2.10
N SER A 511 3.25 -22.34 2.39
CA SER A 511 3.92 -21.93 3.57
C SER A 511 2.95 -21.05 4.33
N ALA A 512 1.97 -20.48 3.64
CA ALA A 512 1.03 -19.56 4.28
C ALA A 512 -0.39 -20.10 4.30
N ASP A 513 -1.16 -19.62 5.26
CA ASP A 513 -2.55 -19.99 5.43
C ASP A 513 -3.46 -18.95 4.79
N PRO A 514 -4.46 -19.40 4.01
CA PRO A 514 -5.35 -18.42 3.38
C PRO A 514 -6.23 -17.71 4.39
N LEU A 515 -6.45 -16.41 4.21
CA LEU A 515 -7.22 -15.62 5.17
C LEU A 515 -7.84 -14.39 4.54
N VAL A 516 -8.80 -13.84 5.28
CA VAL A 516 -9.48 -12.59 4.98
C VAL A 516 -9.43 -11.72 6.23
N THR A 517 -9.08 -10.45 6.05
CA THR A 517 -9.02 -9.49 7.13
C THR A 517 -10.01 -8.35 6.91
N PHE A 518 -10.79 -8.08 7.96
CA PHE A 518 -11.77 -7.03 8.01
C PHE A 518 -11.35 -6.04 9.09
N ALA A 519 -11.37 -4.74 8.80
CA ALA A 519 -11.21 -3.75 9.84
C ALA A 519 -12.59 -3.38 10.37
N VAL A 520 -12.76 -3.43 11.69
CA VAL A 520 -14.05 -3.16 12.30
C VAL A 520 -13.87 -2.18 13.44
N GLN A 521 -14.76 -1.21 13.51
CA GLN A 521 -14.73 -0.19 14.55
CA GLN A 521 -14.74 -0.20 14.56
C GLN A 521 -15.99 -0.33 15.39
N VAL A 522 -15.83 -0.41 16.72
CA VAL A 522 -16.98 -0.51 17.62
C VAL A 522 -16.88 0.55 18.71
N PRO A 523 -18.03 0.95 19.29
CA PRO A 523 -18.03 2.06 20.23
C PRO A 523 -17.47 1.75 21.62
N HIS A 524 -17.53 0.48 22.02
CA HIS A 524 -17.09 0.08 23.36
C HIS A 524 -16.55 -1.33 23.36
N ARG A 525 -15.72 -1.65 24.35
CA ARG A 525 -15.26 -3.03 24.55
C ARG A 525 -16.45 -3.88 24.90
N GLY A 526 -16.52 -5.07 24.32
CA GLY A 526 -17.58 -6.00 24.66
C GLY A 526 -17.63 -7.21 23.77
N SER A 527 -18.63 -8.04 24.04
CA SER A 527 -18.88 -9.24 23.27
C SER A 527 -20.00 -8.94 22.27
N TYR A 528 -19.70 -9.16 20.98
CA TYR A 528 -20.60 -8.80 19.90
C TYR A 528 -21.06 -10.02 19.14
N ALA A 529 -22.33 -10.04 18.73
CA ALA A 529 -22.83 -11.09 17.85
C ALA A 529 -22.18 -10.91 16.48
N ILE A 530 -21.68 -12.01 15.93
CA ILE A 530 -21.06 -12.05 14.60
C ILE A 530 -21.71 -13.18 13.80
N ARG A 531 -21.97 -12.90 12.53
CA ARG A 531 -22.52 -13.87 11.61
C ARG A 531 -21.60 -14.00 10.41
N TYR A 532 -21.52 -15.20 9.87
CA TYR A 532 -20.67 -15.49 8.71
C TYR A 532 -21.52 -16.15 7.65
N ARG A 533 -21.73 -15.49 6.51
CA ARG A 533 -22.46 -16.14 5.43
C ARG A 533 -21.48 -16.88 4.57
N TYR A 534 -21.72 -18.18 4.41
CA TYR A 534 -20.72 -19.10 3.88
C TYR A 534 -21.35 -20.19 3.01
N ALA A 535 -20.50 -20.85 2.23
CA ALA A 535 -20.86 -22.12 1.55
C ALA A 535 -19.86 -23.19 1.99
N ASN A 536 -20.34 -24.43 2.07
CA ASN A 536 -19.51 -25.59 2.40
C ASN A 536 -20.17 -26.88 1.92
N ALA A 537 -19.70 -27.41 0.80
CA ALA A 537 -20.20 -28.69 0.28
C ALA A 537 -19.06 -29.69 0.18
N THR A 538 -18.19 -29.71 1.18
CA THR A 538 -17.10 -30.67 1.25
C THR A 538 -17.59 -32.06 1.64
N GLY A 539 -18.84 -32.15 2.11
CA GLY A 539 -19.42 -33.42 2.51
C GLY A 539 -19.22 -33.69 3.99
N ASP A 540 -18.75 -32.69 4.73
CA ASP A 540 -18.52 -32.79 6.17
C ASP A 540 -18.42 -31.37 6.74
N THR A 541 -18.47 -31.27 8.06
CA THR A 541 -18.29 -29.99 8.74
C THR A 541 -16.90 -29.42 8.43
N SER A 542 -16.82 -28.09 8.28
CA SER A 542 -15.55 -27.42 8.07
C SER A 542 -15.25 -26.47 9.24
N THR A 543 -13.98 -26.12 9.43
CA THR A 543 -13.64 -25.12 10.46
C THR A 543 -12.72 -24.03 9.91
N MET A 544 -12.82 -22.85 10.49
CA MET A 544 -11.85 -21.79 10.22
CA MET A 544 -11.93 -21.72 10.21
C MET A 544 -11.41 -21.17 11.53
N THR A 545 -10.23 -20.58 11.51
CA THR A 545 -9.68 -19.92 12.68
C THR A 545 -9.99 -18.43 12.60
N VAL A 546 -10.50 -17.88 13.69
CA VAL A 546 -10.92 -16.48 13.79
C VAL A 546 -10.19 -15.81 14.94
N THR A 547 -9.68 -14.59 14.68
CA THR A 547 -9.09 -13.76 15.71
C THR A 547 -9.59 -12.33 15.60
N ALA A 548 -9.56 -11.60 16.71
CA ALA A 548 -9.60 -10.13 16.71
C ALA A 548 -8.31 -9.60 17.31
N GLU A 549 -7.73 -8.58 16.68
CA GLU A 549 -6.47 -8.00 17.13
C GLU A 549 -6.48 -6.48 17.04
N LYS A 550 -5.63 -5.86 17.83
CA LYS A 550 -5.34 -4.43 17.73
C LYS A 550 -4.45 -4.19 16.51
N ALA A 551 -4.37 -2.94 16.07
CA ALA A 551 -3.47 -2.59 14.95
C ALA A 551 -2.03 -3.02 15.19
N ASP A 552 -1.60 -3.01 16.45
CA ASP A 552 -0.22 -3.43 16.81
C ASP A 552 -0.03 -4.96 16.84
N ARG A 553 -1.06 -5.72 16.48
CA ARG A 553 -1.08 -7.19 16.35
C ARG A 553 -1.49 -7.94 17.62
N SER A 554 -1.55 -7.24 18.74
CA SER A 554 -1.92 -7.85 20.02
CA SER A 554 -1.89 -7.92 19.98
C SER A 554 -3.30 -8.49 19.94
N THR A 555 -3.46 -9.67 20.53
CA THR A 555 -4.71 -10.43 20.47
C THR A 555 -5.81 -9.87 21.39
N VAL A 556 -6.98 -9.64 20.82
CA VAL A 556 -8.17 -9.20 21.57
C VAL A 556 -9.07 -10.41 21.79
N ASP A 557 -9.18 -11.29 20.80
CA ASP A 557 -9.93 -12.52 20.96
C ASP A 557 -9.39 -13.62 20.06
N GLY A 558 -9.54 -14.87 20.50
CA GLY A 558 -9.06 -16.00 19.73
C GLY A 558 -7.58 -16.22 19.94
N PRO A 559 -6.95 -17.02 19.08
CA PRO A 559 -7.57 -17.75 17.96
C PRO A 559 -8.52 -18.83 18.43
N VAL A 560 -9.66 -18.96 17.74
CA VAL A 560 -10.61 -20.04 18.00
C VAL A 560 -11.05 -20.65 16.68
N HIS A 561 -11.37 -21.95 16.71
CA HIS A 561 -11.96 -22.62 15.57
C HIS A 561 -13.45 -22.36 15.59
N VAL A 562 -13.97 -21.81 14.50
CA VAL A 562 -15.40 -21.63 14.31
C VAL A 562 -15.86 -22.71 13.34
N SER A 563 -17.02 -23.32 13.61
CA SER A 563 -17.50 -24.46 12.84
C SER A 563 -18.53 -24.06 11.80
N PHE A 564 -18.46 -24.72 10.65
CA PHE A 564 -19.30 -24.40 9.51
C PHE A 564 -19.95 -25.68 9.01
N PRO A 565 -21.22 -25.93 9.41
CA PRO A 565 -21.94 -27.14 9.02
C PRO A 565 -21.95 -27.36 7.51
N GLY A 566 -21.79 -28.60 7.10
CA GLY A 566 -21.83 -28.96 5.70
C GLY A 566 -23.22 -28.75 5.13
N LEU A 567 -23.28 -28.30 3.88
CA LEU A 567 -24.53 -28.02 3.18
C LEU A 567 -24.59 -28.84 1.91
N ALA A 568 -25.76 -28.85 1.25
CA ALA A 568 -26.03 -29.80 0.17
C ALA A 568 -25.13 -29.62 -1.05
N THR A 569 -24.97 -28.38 -1.51
CA THR A 569 -24.17 -28.11 -2.73
C THR A 569 -23.40 -26.82 -2.55
N TRP A 570 -22.47 -26.56 -3.47
CA TRP A 570 -21.69 -25.32 -3.43
C TRP A 570 -22.51 -24.07 -3.76
N ASP A 571 -23.71 -24.25 -4.33
CA ASP A 571 -24.68 -23.17 -4.55
C ASP A 571 -25.54 -22.87 -3.32
N THR A 572 -25.38 -23.65 -2.25
CA THR A 572 -26.19 -23.50 -1.06
C THR A 572 -25.43 -22.62 -0.09
N TRP A 573 -26.10 -21.61 0.44
CA TRP A 573 -25.48 -20.69 1.39
C TRP A 573 -26.16 -20.79 2.74
N GLY A 574 -25.34 -20.67 3.78
CA GLY A 574 -25.85 -20.68 5.15
C GLY A 574 -25.25 -19.55 5.95
N VAL A 575 -25.75 -19.38 7.17
CA VAL A 575 -25.21 -18.38 8.08
C VAL A 575 -24.83 -19.05 9.40
N ALA A 576 -23.53 -19.03 9.71
CA ALA A 576 -23.04 -19.50 10.99
C ALA A 576 -23.02 -18.34 11.97
N ASP A 577 -23.31 -18.64 13.23
CA ASP A 577 -23.46 -17.64 14.27
C ASP A 577 -22.33 -17.81 15.26
N GLY A 578 -21.89 -16.68 15.81
CA GLY A 578 -20.85 -16.68 16.81
C GLY A 578 -20.88 -15.43 17.65
N THR A 579 -19.89 -15.35 18.53
CA THR A 579 -19.70 -14.19 19.35
C THR A 579 -18.20 -13.85 19.32
N ILE A 580 -17.89 -12.58 19.38
CA ILE A 580 -16.49 -12.16 19.32
C ILE A 580 -16.27 -10.98 20.26
N THR A 581 -15.18 -11.02 21.01
CA THR A 581 -14.82 -9.91 21.89
C THR A 581 -14.00 -8.90 21.06
N LEU A 582 -14.41 -7.63 21.13
CA LEU A 582 -13.76 -6.53 20.41
C LEU A 582 -13.51 -5.39 21.39
N ASP A 583 -12.43 -4.63 21.18
CA ASP A 583 -12.14 -3.48 22.02
C ASP A 583 -12.70 -2.20 21.38
N ALA A 584 -12.83 -1.15 22.16
CA ALA A 584 -13.27 0.14 21.63
C ALA A 584 -12.32 0.57 20.52
N GLY A 585 -12.89 1.07 19.44
CA GLY A 585 -12.11 1.59 18.33
C GLY A 585 -11.84 0.53 17.28
N LEU A 586 -10.65 0.60 16.70
CA LEU A 586 -10.26 -0.27 15.59
C LEU A 586 -9.88 -1.68 16.04
N ASN A 587 -10.48 -2.67 15.42
CA ASN A 587 -10.08 -4.06 15.57
C ASN A 587 -9.87 -4.63 14.18
N LEU A 588 -8.90 -5.53 14.04
CA LEU A 588 -8.72 -6.32 12.82
C LEU A 588 -9.26 -7.71 13.12
N VAL A 589 -10.30 -8.09 12.39
CA VAL A 589 -10.92 -9.40 12.51
C VAL A 589 -10.47 -10.22 11.34
N THR A 590 -9.71 -11.27 11.60
CA THR A 590 -9.16 -12.12 10.58
C THR A 590 -9.72 -13.52 10.69
N ILE A 591 -10.17 -14.06 9.56
CA ILE A 591 -10.67 -15.42 9.45
C ILE A 591 -9.85 -16.14 8.39
N GLY A 592 -9.31 -17.31 8.74
CA GLY A 592 -8.42 -18.03 7.85
C GLY A 592 -8.40 -19.50 8.14
N ARG A 593 -7.80 -20.26 7.22
CA ARG A 593 -7.73 -21.71 7.34
C ARG A 593 -6.34 -22.19 7.71
N GLY A 594 -6.17 -22.59 8.95
CA GLY A 594 -4.89 -23.11 9.45
C GLY A 594 -4.74 -24.60 9.20
N ALA A 595 -3.56 -25.11 9.49
CA ALA A 595 -3.24 -26.53 9.26
C ALA A 595 -4.15 -27.46 10.05
N THR A 596 -4.60 -27.02 11.23
CA THR A 596 -5.47 -27.81 12.09
C THR A 596 -6.97 -27.61 11.81
N ASP A 597 -7.30 -26.77 10.84
CA ASP A 597 -8.69 -26.60 10.45
C ASP A 597 -9.11 -27.71 9.51
N LYS A 598 -10.42 -27.93 9.40
CA LYS A 598 -10.97 -29.04 8.62
C LYS A 598 -11.73 -28.51 7.42
N GLY A 599 -11.62 -29.19 6.30
CA GLY A 599 -12.42 -28.90 5.12
C GLY A 599 -12.11 -27.54 4.53
N ALA A 600 -13.16 -26.84 4.13
CA ALA A 600 -13.04 -25.57 3.42
C ALA A 600 -14.37 -24.85 3.42
N ILE A 601 -14.35 -23.52 3.27
CA ILE A 601 -15.57 -22.76 3.04
C ILE A 601 -15.34 -21.74 1.93
N ASN A 602 -16.43 -21.25 1.36
CA ASN A 602 -16.44 -19.98 0.64
C ASN A 602 -17.11 -18.94 1.54
N LEU A 603 -16.53 -17.74 1.64
CA LEU A 603 -17.01 -16.73 2.57
C LEU A 603 -17.61 -15.57 1.77
N ASN A 604 -18.88 -15.26 2.05
CA ASN A 604 -19.56 -14.12 1.40
C ASN A 604 -19.40 -12.83 2.19
N TRP A 605 -19.69 -12.88 3.47
CA TRP A 605 -19.60 -11.72 4.32
C TRP A 605 -19.58 -12.08 5.78
N ILE A 606 -19.24 -11.09 6.59
CA ILE A 606 -19.48 -11.14 8.02
C ILE A 606 -20.39 -9.99 8.39
N GLU A 607 -21.15 -10.19 9.46
CA GLU A 607 -21.99 -9.16 10.02
C GLU A 607 -21.71 -9.05 11.51
N LEU A 608 -21.66 -7.82 12.01
CA LEU A 608 -21.52 -7.53 13.43
C LEU A 608 -22.72 -6.70 13.88
N ASP A 609 -23.35 -7.08 14.98
CA ASP A 609 -24.41 -6.27 15.56
C ASP A 609 -23.78 -5.41 16.63
N MET A 610 -23.51 -4.14 16.33
CA MET A 610 -22.76 -3.29 17.26
C MET A 610 -23.60 -2.23 17.94
#